data_3F4E
#
_entry.id   3F4E
#
_cell.length_a   71.471
_cell.length_b   71.471
_cell.length_c   140.554
_cell.angle_alpha   90.00
_cell.angle_beta   90.00
_cell.angle_gamma   120.00
#
_symmetry.space_group_name_H-M   'P 31 2 1'
#
loop_
_entity.id
_entity.type
_entity.pdbx_description
1 polymer 'FMN riboswitch'
2 polymer 'FMN riboswitch'
3 non-polymer 'POTASSIUM ION'
4 non-polymer 'MAGNESIUM ION'
5 non-polymer 'FLAVIN MONONUCLEOTIDE'
6 water water
#
loop_
_entity_poly.entity_id
_entity_poly.type
_entity_poly.pdbx_seq_one_letter_code
_entity_poly.pdbx_strand_id
1 'polyribonucleotide' GGAUCUUCGGGGCAGGGUGAAAUUCCCGACCGGUGGUAUAGUCCACGAAAGCUU X
2 'polyribonucleotide' GCUUUGAUUUGGUGAAAUUCCAAAACCGACAGUAGAGUCUGGAUGAGAGAAGAUUC Y
#
loop_
_chem_comp.id
_chem_comp.type
_chem_comp.name
_chem_comp.formula
A RNA linking ADENOSINE-5'-MONOPHOSPHATE 'C10 H14 N5 O7 P'
C RNA linking CYTIDINE-5'-MONOPHOSPHATE 'C9 H14 N3 O8 P'
FMN non-polymer 'FLAVIN MONONUCLEOTIDE' 'C17 H21 N4 O9 P'
G RNA linking GUANOSINE-5'-MONOPHOSPHATE 'C10 H14 N5 O8 P'
K non-polymer 'POTASSIUM ION' 'K 1'
MG non-polymer 'MAGNESIUM ION' 'Mg 2'
U RNA linking URIDINE-5'-MONOPHOSPHATE 'C9 H13 N2 O9 P'
#
# COMPACT_ATOMS: atom_id res chain seq x y z
K K C . 17.04 4.34 -2.31
MG MG D . -27.58 11.94 -0.35
MG MG E . 8.61 1.73 -1.87
MG MG F . -13.94 12.32 2.86
MG MG G . -17.81 20.44 7.65
MG MG H . -9.71 7.95 -5.98
MG MG I . 3.85 12.59 -5.07
MG MG J . -22.73 2.98 -9.54
MG MG K . -5.40 20.28 1.37
MG MG L . -19.25 7.00 4.81
MG MG M . -2.41 4.76 8.53
N1 FMN N . 1.26 -4.18 3.70
C2 FMN N . 0.98 -4.54 5.01
O2 FMN N . 0.60 -3.71 5.82
N3 FMN N . 1.14 -5.86 5.40
C4 FMN N . 1.58 -6.81 4.50
O4 FMN N . 1.72 -7.97 4.83
C4A FMN N . 1.85 -6.45 3.19
N5 FMN N . 2.27 -7.42 2.31
C5A FMN N . 2.55 -7.08 1.00
C6 FMN N . 2.98 -8.05 0.09
C7 FMN N . 3.27 -7.70 -1.22
C7M FMN N . 3.73 -8.76 -2.18
C8 FMN N . 3.12 -6.38 -1.63
C8M FMN N . 3.40 -5.96 -3.05
C9 FMN N . 2.68 -5.41 -0.73
C9A FMN N . 2.40 -5.75 0.59
N10 FMN N . 1.98 -4.78 1.49
C10 FMN N . 1.70 -5.13 2.80
C1' FMN N . 1.85 -3.35 1.07
C2' FMN N . 3.18 -2.64 1.25
O2' FMN N . 3.38 -2.38 2.62
C3' FMN N . 3.22 -1.33 0.45
O3' FMN N . 2.27 -0.40 0.94
C4' FMN N . 2.96 -1.52 -1.04
O4' FMN N . 3.72 -2.62 -1.51
C5' FMN N . 3.39 -0.27 -1.80
O5' FMN N . 4.60 0.16 -1.25
P FMN N . 5.17 1.62 -1.60
O1P FMN N . 6.36 1.93 -0.72
O2P FMN N . 4.15 2.69 -1.34
O3P FMN N . 5.62 1.60 -3.04
MG MG O . -5.60 4.96 -6.41
MG MG P . -11.33 -5.60 -1.22
MG MG Q . 17.18 12.77 -18.42
#